data_6X13
#
_entry.id   6X13
#
_cell.length_a   1.00
_cell.length_b   1.00
_cell.length_c   1.00
_cell.angle_alpha   90.00
_cell.angle_beta   90.00
_cell.angle_gamma   90.00
#
_symmetry.space_group_name_H-M   'P 1'
#
loop_
_entity.id
_entity.type
_entity.pdbx_description
1 polymer 'Glutamate transporter homologue GltPh'
2 non-polymer '[(2~{R})-1-[2-azanylethoxy(oxidanyl)phosphoryl]oxy-3-hexadecanoyloxy-propan-2-yl] (~{Z})-octadec-9-enoate'
#
_entity_poly.entity_id   1
_entity_poly.type   'polypeptide(L)'
_entity_poly.pdbx_seq_one_letter_code
;(FME)GLYRKYIEYPVLQKILIGLILGAIVGLILGHYGYAHAVHTYVKPFGDLFVRLLCMLVMPIVFASLVVGAASISPA
RLGRVGVKIVVYYLLTSAFAVTLGIIMARLFNPGAGIHLAVGGQQFQPHQAPPLVHILLDIVPTNPFGALANGQVLPTIF
FAIILGIAITYLMNSENEKVRKSAETLLDAINGLAEAMYKIVNGVMQYAPIGVFALIAYVMAEQGVHVVGELAKVTAAVY
VGLTLQILLVYFVLLKIYGIDPISFIKHAKDAMLTAFVTRSSSGTLPVTMRVAKEMGISEGIYSFTLPLGATINMDGTAL
YQGVATFFIANALGSHLTVGQQLTIVLTAVLASIGTAGVPGAGAIMLCMVLHSVGLPLTDPNVAAAYAMILGIDAILDMG
RTMVNVTGDLTGTAIVAKTEGTLVPR
;
_entity_poly.pdbx_strand_id   A
#
loop_
_chem_comp.id
_chem_comp.type
_chem_comp.name
_chem_comp.formula
6OU non-polymer '[(2~{R})-1-[2-azanylethoxy(oxidanyl)phosphoryl]oxy-3-hexadecanoyloxy-propan-2-yl] (~{Z})-octadec-9-enoate' 'C39 H76 N O8 P'
#
# COMPACT_ATOMS: atom_id res chain seq x y z
N GLY A 2 -3.62 -33.13 5.51
CA GLY A 2 -2.19 -32.97 5.31
C GLY A 2 -1.87 -32.05 4.15
N LEU A 3 -2.49 -32.32 3.00
CA LEU A 3 -2.27 -31.50 1.81
C LEU A 3 -2.82 -30.09 1.99
N TYR A 4 -4.02 -29.98 2.58
CA TYR A 4 -4.61 -28.68 2.86
C TYR A 4 -3.80 -27.90 3.89
N ARG A 5 -3.27 -28.59 4.89
CA ARG A 5 -2.47 -27.94 5.92
C ARG A 5 -1.13 -27.48 5.37
N LYS A 6 -0.51 -28.26 4.49
CA LYS A 6 0.73 -27.79 3.89
C LYS A 6 0.50 -26.81 2.74
N TYR A 7 -0.73 -26.67 2.27
CA TYR A 7 -1.04 -25.59 1.35
C TYR A 7 -1.23 -24.27 2.10
N ILE A 8 -1.91 -24.32 3.25
CA ILE A 8 -2.08 -23.11 4.05
C ILE A 8 -0.75 -22.68 4.68
N GLU A 9 0.04 -23.65 5.15
CA GLU A 9 1.30 -23.37 5.83
C GLU A 9 2.36 -22.80 4.89
N TYR A 10 2.20 -22.98 3.59
CA TYR A 10 3.04 -22.31 2.61
C TYR A 10 2.82 -20.79 2.69
N PRO A 11 3.86 -19.99 2.48
CA PRO A 11 3.68 -18.53 2.53
C PRO A 11 2.82 -18.03 1.38
N VAL A 12 2.23 -16.86 1.59
CA VAL A 12 1.20 -16.36 0.69
C VAL A 12 1.80 -15.83 -0.60
N LEU A 13 2.89 -15.06 -0.50
CA LEU A 13 3.42 -14.36 -1.67
C LEU A 13 4.10 -15.32 -2.64
N GLN A 14 4.77 -16.35 -2.12
CA GLN A 14 5.35 -17.37 -2.99
C GLN A 14 4.27 -18.15 -3.72
N LYS A 15 3.15 -18.43 -3.04
CA LYS A 15 2.06 -19.13 -3.68
C LYS A 15 1.36 -18.26 -4.73
N ILE A 16 1.30 -16.94 -4.49
CA ILE A 16 0.73 -16.04 -5.50
C ILE A 16 1.64 -15.94 -6.72
N LEU A 17 2.95 -15.91 -6.49
CA LEU A 17 3.89 -15.86 -7.62
C LEU A 17 3.86 -17.16 -8.43
N ILE A 18 3.78 -18.32 -7.75
CA ILE A 18 3.73 -19.56 -8.49
C ILE A 18 2.35 -19.73 -9.16
N GLY A 19 1.31 -19.10 -8.62
CA GLY A 19 0.04 -19.08 -9.30
C GLY A 19 0.07 -18.23 -10.55
N LEU A 20 0.81 -17.12 -10.51
CA LEU A 20 0.97 -16.28 -11.70
C LEU A 20 1.77 -17.01 -12.78
N ILE A 21 2.81 -17.75 -12.37
CA ILE A 21 3.63 -18.49 -13.32
C ILE A 21 2.83 -19.62 -13.97
N LEU A 22 2.11 -20.40 -13.15
CA LEU A 22 1.26 -21.46 -13.68
C LEU A 22 0.11 -20.91 -14.53
N GLY A 23 -0.41 -19.73 -14.18
CA GLY A 23 -1.44 -19.11 -15.00
C GLY A 23 -0.92 -18.68 -16.36
N ALA A 24 0.28 -18.10 -16.39
CA ALA A 24 0.87 -17.70 -17.66
C ALA A 24 1.16 -18.91 -18.54
N ILE A 25 1.67 -20.00 -17.94
CA ILE A 25 2.02 -21.19 -18.71
C ILE A 25 0.78 -21.87 -19.27
N VAL A 26 -0.22 -22.11 -18.42
CA VAL A 26 -1.44 -22.79 -18.85
C VAL A 26 -2.24 -21.91 -19.81
N GLY A 27 -2.23 -20.59 -19.61
CA GLY A 27 -2.93 -19.70 -20.51
C GLY A 27 -2.29 -19.64 -21.89
N LEU A 28 -0.95 -19.63 -21.95
CA LEU A 28 -0.28 -19.65 -23.24
C LEU A 28 -0.48 -20.99 -23.97
N ILE A 29 -0.44 -22.10 -23.22
CA ILE A 29 -0.59 -23.41 -23.83
C ILE A 29 -2.00 -23.61 -24.35
N LEU A 30 -3.01 -23.27 -23.56
CA LEU A 30 -4.39 -23.40 -24.02
C LEU A 30 -4.81 -22.30 -24.97
N GLY A 31 -4.04 -21.20 -25.10
CA GLY A 31 -4.33 -20.22 -26.11
C GLY A 31 -3.74 -20.57 -27.46
N HIS A 32 -2.60 -21.27 -27.47
CA HIS A 32 -2.06 -21.73 -28.74
C HIS A 32 -2.90 -22.84 -29.35
N TYR A 33 -3.48 -23.72 -28.53
CA TYR A 33 -4.20 -24.89 -28.99
C TYR A 33 -5.67 -24.62 -29.30
N GLY A 34 -6.06 -23.35 -29.43
CA GLY A 34 -7.39 -22.98 -29.88
C GLY A 34 -8.45 -22.92 -28.80
N TYR A 35 -8.31 -23.71 -27.74
CA TYR A 35 -9.33 -23.76 -26.68
C TYR A 35 -9.19 -22.51 -25.81
N ALA A 36 -9.74 -21.41 -26.30
CA ALA A 36 -9.72 -20.13 -25.60
C ALA A 36 -11.06 -19.74 -25.02
N HIS A 37 -12.15 -20.01 -25.74
CA HIS A 37 -13.49 -19.73 -25.20
C HIS A 37 -13.82 -20.67 -24.06
N ALA A 38 -13.33 -21.92 -24.13
CA ALA A 38 -13.51 -22.86 -23.03
C ALA A 38 -12.66 -22.48 -21.83
N VAL A 39 -11.59 -21.71 -22.02
CA VAL A 39 -10.88 -21.14 -20.89
C VAL A 39 -11.68 -19.99 -20.30
N HIS A 40 -12.22 -19.11 -21.15
CA HIS A 40 -12.98 -17.94 -20.75
C HIS A 40 -14.21 -18.31 -19.92
N THR A 41 -15.16 -19.01 -20.53
CA THR A 41 -16.44 -19.26 -19.89
C THR A 41 -16.38 -20.25 -18.73
N TYR A 42 -15.24 -20.90 -18.49
CA TYR A 42 -15.10 -21.85 -17.40
C TYR A 42 -14.11 -21.43 -16.32
N VAL A 43 -13.21 -20.48 -16.59
CA VAL A 43 -12.14 -20.16 -15.66
C VAL A 43 -12.28 -18.69 -15.22
N LYS A 44 -12.89 -17.86 -16.06
CA LYS A 44 -13.12 -16.46 -15.70
C LYS A 44 -13.99 -16.21 -14.45
N PRO A 45 -15.00 -17.05 -14.11
CA PRO A 45 -15.63 -16.85 -12.78
C PRO A 45 -14.69 -17.01 -11.59
N PHE A 46 -13.75 -17.96 -11.65
CA PHE A 46 -12.81 -18.12 -10.54
C PHE A 46 -11.80 -16.99 -10.46
N GLY A 47 -11.64 -16.21 -11.53
CA GLY A 47 -10.74 -15.08 -11.52
C GLY A 47 -11.46 -13.77 -11.33
N ASP A 48 -12.79 -13.79 -11.43
CA ASP A 48 -13.59 -12.60 -11.14
C ASP A 48 -14.15 -12.59 -9.72
N LEU A 49 -14.32 -13.77 -9.12
CA LEU A 49 -14.74 -13.84 -7.72
C LEU A 49 -13.70 -13.24 -6.79
N PHE A 50 -12.42 -13.38 -7.12
CA PHE A 50 -11.37 -12.81 -6.28
C PHE A 50 -11.36 -11.29 -6.36
N VAL A 51 -11.58 -10.74 -7.55
CA VAL A 51 -11.67 -9.29 -7.71
C VAL A 51 -12.91 -8.75 -7.01
N ARG A 52 -14.01 -9.50 -7.04
CA ARG A 52 -15.21 -9.10 -6.31
C ARG A 52 -14.99 -9.15 -4.80
N LEU A 53 -14.21 -10.12 -4.31
CA LEU A 53 -13.93 -10.19 -2.89
C LEU A 53 -13.02 -9.05 -2.43
N LEU A 54 -12.03 -8.69 -3.25
CA LEU A 54 -11.16 -7.57 -2.91
C LEU A 54 -11.92 -6.24 -2.94
N CYS A 55 -12.82 -6.07 -3.92
CA CYS A 55 -13.66 -4.89 -3.93
C CYS A 55 -14.68 -4.87 -2.80
N MET A 56 -15.03 -6.04 -2.25
CA MET A 56 -15.82 -6.07 -1.03
C MET A 56 -14.99 -5.58 0.16
N LEU A 57 -13.76 -6.07 0.27
CA LEU A 57 -12.95 -5.78 1.45
C LEU A 57 -12.39 -4.36 1.48
N VAL A 58 -12.29 -3.68 0.32
CA VAL A 58 -11.57 -2.40 0.31
C VAL A 58 -12.34 -1.29 1.03
N MET A 59 -13.67 -1.30 1.00
CA MET A 59 -14.40 -0.17 1.55
C MET A 59 -14.55 -0.14 3.08
N PRO A 60 -14.92 -1.22 3.80
CA PRO A 60 -14.99 -1.09 5.26
C PRO A 60 -13.63 -1.09 5.96
N ILE A 61 -12.53 -1.32 5.26
CA ILE A 61 -11.22 -1.18 5.88
C ILE A 61 -10.87 0.29 6.03
N VAL A 62 -11.21 1.09 5.02
CA VAL A 62 -10.79 2.50 4.95
C VAL A 62 -11.31 3.28 6.13
N PHE A 63 -12.62 3.19 6.39
CA PHE A 63 -13.24 3.96 7.46
C PHE A 63 -12.74 3.51 8.84
N ALA A 64 -12.77 2.20 9.11
CA ALA A 64 -12.42 1.71 10.45
C ALA A 64 -10.94 1.87 10.75
N SER A 65 -10.08 1.44 9.83
CA SER A 65 -8.65 1.56 10.03
C SER A 65 -8.18 3.01 10.04
N LEU A 66 -8.83 3.88 9.26
CA LEU A 66 -8.47 5.29 9.31
C LEU A 66 -8.93 5.96 10.60
N VAL A 67 -10.08 5.56 11.15
CA VAL A 67 -10.52 6.11 12.43
C VAL A 67 -9.56 5.70 13.54
N VAL A 68 -9.15 4.44 13.56
CA VAL A 68 -8.23 3.96 14.59
C VAL A 68 -6.85 4.61 14.44
N GLY A 69 -6.34 4.67 13.20
CA GLY A 69 -5.02 5.24 12.98
C GLY A 69 -4.97 6.72 13.23
N ALA A 70 -5.99 7.48 12.81
CA ALA A 70 -6.02 8.90 13.07
C ALA A 70 -6.32 9.20 14.52
N ALA A 71 -6.94 8.28 15.25
CA ALA A 71 -7.07 8.47 16.69
C ALA A 71 -5.79 8.16 17.44
N SER A 72 -4.88 7.40 16.85
CA SER A 72 -3.57 7.19 17.45
C SER A 72 -2.49 8.12 16.88
N ILE A 73 -2.89 9.23 16.25
CA ILE A 73 -1.95 10.14 15.60
C ILE A 73 -2.16 11.56 16.10
N SER A 74 -3.40 11.88 16.48
CA SER A 74 -3.97 13.20 16.79
C SER A 74 -3.14 14.07 17.74
N PRO A 75 -3.28 15.40 17.67
CA PRO A 75 -2.51 16.26 18.58
C PRO A 75 -2.92 16.20 20.04
N ALA A 76 -3.98 15.49 20.41
CA ALA A 76 -4.33 15.33 21.82
C ALA A 76 -3.48 14.28 22.52
N ARG A 77 -2.77 13.44 21.77
CA ARG A 77 -1.91 12.42 22.34
C ARG A 77 -0.47 12.57 21.87
N LEU A 78 -0.04 13.79 21.59
CA LEU A 78 1.29 14.07 21.07
C LEU A 78 1.98 15.10 21.94
N GLY A 79 3.20 14.79 22.36
CA GLY A 79 4.02 15.74 23.09
C GLY A 79 4.78 16.67 22.17
N ARG A 80 6.09 16.78 22.37
CA ARG A 80 6.94 17.53 21.45
C ARG A 80 7.76 16.63 20.55
N VAL A 81 7.89 15.35 20.88
CA VAL A 81 8.52 14.38 19.98
C VAL A 81 7.51 13.88 18.96
N GLY A 82 6.25 13.75 19.38
CA GLY A 82 5.25 13.12 18.53
C GLY A 82 4.90 13.95 17.30
N VAL A 83 4.81 15.27 17.45
CA VAL A 83 4.46 16.13 16.33
C VAL A 83 5.58 16.12 15.28
N LYS A 84 6.84 16.08 15.73
CA LYS A 84 7.95 16.06 14.81
C LYS A 84 8.06 14.72 14.09
N ILE A 85 7.80 13.62 14.80
CA ILE A 85 7.90 12.32 14.12
C ILE A 85 6.71 12.08 13.19
N VAL A 86 5.52 12.61 13.51
CA VAL A 86 4.38 12.47 12.61
C VAL A 86 4.58 13.33 11.36
N VAL A 87 5.09 14.55 11.52
CA VAL A 87 5.39 15.41 10.38
C VAL A 87 6.45 14.78 9.48
N TYR A 88 7.48 14.17 10.08
CA TYR A 88 8.51 13.48 9.30
C TYR A 88 7.93 12.30 8.53
N TYR A 89 7.06 11.51 9.17
CA TYR A 89 6.53 10.32 8.50
C TYR A 89 5.62 10.69 7.33
N LEU A 90 4.76 11.70 7.51
CA LEU A 90 3.88 12.10 6.43
C LEU A 90 4.64 12.76 5.28
N LEU A 91 5.65 13.58 5.59
CA LEU A 91 6.41 14.24 4.51
C LEU A 91 7.29 13.23 3.78
N THR A 92 7.84 12.24 4.49
CA THR A 92 8.66 11.24 3.82
C THR A 92 7.81 10.29 2.98
N SER A 93 6.58 10.00 3.42
CA SER A 93 5.67 9.22 2.56
C SER A 93 5.27 9.99 1.32
N ALA A 94 5.08 11.32 1.44
CA ALA A 94 4.79 12.14 0.28
C ALA A 94 5.96 12.16 -0.70
N PHE A 95 7.19 12.26 -0.18
CA PHE A 95 8.37 12.21 -1.04
C PHE A 95 8.53 10.84 -1.68
N ALA A 96 8.13 9.77 -1.00
CA ALA A 96 8.23 8.44 -1.57
C ALA A 96 7.25 8.25 -2.72
N VAL A 97 6.01 8.73 -2.58
CA VAL A 97 5.04 8.63 -3.67
C VAL A 97 5.47 9.50 -4.84
N THR A 98 6.01 10.69 -4.56
CA THR A 98 6.48 11.58 -5.64
C THR A 98 7.66 10.97 -6.38
N LEU A 99 8.58 10.32 -5.66
CA LEU A 99 9.71 9.70 -6.32
C LEU A 99 9.30 8.43 -7.07
N GLY A 100 8.28 7.74 -6.60
CA GLY A 100 7.74 6.63 -7.37
C GLY A 100 7.09 7.08 -8.66
N ILE A 101 6.39 8.21 -8.62
CA ILE A 101 5.78 8.76 -9.83
C ILE A 101 6.85 9.26 -10.80
N ILE A 102 7.94 9.82 -10.26
CA ILE A 102 9.06 10.27 -11.09
C ILE A 102 9.74 9.08 -11.77
N MET A 103 10.00 8.01 -11.01
CA MET A 103 10.62 6.83 -11.60
C MET A 103 9.66 6.03 -12.49
N ALA A 104 8.36 6.27 -12.39
CA ALA A 104 7.42 5.67 -13.32
C ALA A 104 7.25 6.49 -14.59
N ARG A 105 7.46 7.80 -14.53
CA ARG A 105 7.45 8.61 -15.74
C ARG A 105 8.76 8.54 -16.49
N LEU A 106 9.88 8.32 -15.78
CA LEU A 106 11.16 8.17 -16.46
C LEU A 106 11.26 6.82 -17.15
N PHE A 107 10.66 5.79 -16.57
CA PHE A 107 10.52 4.51 -17.24
C PHE A 107 9.21 4.51 -18.01
N ASN A 108 8.83 3.36 -18.56
CA ASN A 108 7.52 3.20 -19.21
C ASN A 108 7.09 1.76 -19.06
N PRO A 109 6.55 1.40 -17.89
CA PRO A 109 6.26 -0.02 -17.63
C PRO A 109 4.99 -0.52 -18.31
N GLY A 110 4.06 0.37 -18.59
CA GLY A 110 2.77 -0.04 -19.12
C GLY A 110 2.68 -0.06 -20.62
N ALA A 111 3.48 0.76 -21.29
CA ALA A 111 3.46 0.83 -22.74
C ALA A 111 4.03 -0.45 -23.35
N GLY A 112 3.19 -1.16 -24.09
CA GLY A 112 3.60 -2.43 -24.66
C GLY A 112 2.50 -3.47 -24.55
N ILE A 113 1.67 -3.33 -23.51
CA ILE A 113 0.53 -4.21 -23.31
C ILE A 113 -0.75 -3.45 -23.60
N HIS A 114 -1.22 -3.51 -24.83
CA HIS A 114 -2.50 -2.90 -25.19
C HIS A 114 -3.59 -3.85 -24.70
N LEU A 115 -4.09 -3.60 -23.50
CA LEU A 115 -4.96 -4.54 -22.80
C LEU A 115 -6.41 -4.33 -23.21
N ALA A 116 -7.09 -5.43 -23.51
CA ALA A 116 -8.50 -5.42 -23.87
C ALA A 116 -9.08 -6.78 -23.54
N VAL A 117 -10.28 -6.82 -22.98
CA VAL A 117 -10.85 -8.09 -22.57
C VAL A 117 -11.52 -8.82 -23.74
N GLY A 118 -12.60 -8.29 -24.30
CA GLY A 118 -13.10 -8.87 -25.53
C GLY A 118 -12.42 -8.30 -26.75
N GLY A 119 -12.73 -7.04 -27.06
CA GLY A 119 -12.00 -6.28 -28.05
C GLY A 119 -11.89 -4.81 -27.70
N GLN A 120 -12.55 -4.41 -26.62
CA GLN A 120 -12.79 -2.99 -26.36
C GLN A 120 -11.70 -2.40 -25.47
N GLN A 121 -11.33 -1.17 -25.79
CA GLN A 121 -10.37 -0.43 -24.99
C GLN A 121 -11.07 0.21 -23.79
N PHE A 122 -10.32 0.35 -22.70
CA PHE A 122 -10.85 0.97 -21.49
C PHE A 122 -11.03 2.47 -21.74
N GLN A 123 -12.28 2.93 -21.72
CA GLN A 123 -12.57 4.34 -21.90
C GLN A 123 -12.52 5.06 -20.55
N PRO A 124 -11.68 6.07 -20.38
CA PRO A 124 -11.59 6.76 -19.10
C PRO A 124 -12.68 7.80 -18.94
N HIS A 125 -12.90 8.20 -17.70
CA HIS A 125 -13.85 9.26 -17.40
C HIS A 125 -13.21 10.62 -17.65
N GLN A 126 -14.00 11.67 -17.49
CA GLN A 126 -13.49 13.03 -17.61
C GLN A 126 -13.02 13.53 -16.26
N ALA A 127 -11.90 14.23 -16.25
CA ALA A 127 -11.42 14.66 -14.95
C ALA A 127 -11.95 16.04 -14.60
N PRO A 128 -12.34 16.26 -13.34
CA PRO A 128 -12.72 17.61 -12.90
C PRO A 128 -11.50 18.49 -12.75
N PRO A 129 -11.68 19.81 -12.63
CA PRO A 129 -10.53 20.68 -12.34
C PRO A 129 -9.95 20.48 -10.95
N LEU A 130 -8.88 21.20 -10.62
CA LEU A 130 -8.18 20.98 -9.36
C LEU A 130 -8.97 21.48 -8.18
N VAL A 131 -9.68 22.61 -8.34
CA VAL A 131 -10.47 23.16 -7.25
C VAL A 131 -11.68 22.29 -6.97
N HIS A 132 -12.21 21.61 -7.99
CA HIS A 132 -13.30 20.67 -7.74
C HIS A 132 -12.83 19.44 -6.99
N ILE A 133 -11.57 19.02 -7.19
CA ILE A 133 -11.02 17.91 -6.42
C ILE A 133 -10.80 18.32 -4.97
N LEU A 134 -10.21 19.49 -4.75
CA LEU A 134 -9.99 19.98 -3.40
C LEU A 134 -11.28 20.32 -2.67
N LEU A 135 -12.35 20.60 -3.38
CA LEU A 135 -13.66 20.76 -2.76
C LEU A 135 -14.43 19.45 -2.64
N ASP A 136 -14.03 18.43 -3.41
CA ASP A 136 -14.64 17.11 -3.36
C ASP A 136 -13.99 16.22 -2.32
N ILE A 137 -12.87 16.66 -1.74
CA ILE A 137 -12.28 15.93 -0.61
C ILE A 137 -13.24 15.89 0.56
N VAL A 138 -13.80 17.04 0.93
CA VAL A 138 -14.78 17.08 2.02
C VAL A 138 -16.14 16.61 1.49
N PRO A 139 -16.78 15.65 2.13
CA PRO A 139 -18.04 15.12 1.60
C PRO A 139 -19.22 15.98 1.95
N THR A 140 -20.21 15.97 1.07
CA THR A 140 -21.47 16.63 1.39
C THR A 140 -22.36 15.75 2.24
N ASN A 141 -22.11 14.45 2.29
CA ASN A 141 -22.81 13.51 3.15
C ASN A 141 -21.92 12.30 3.36
N PRO A 142 -21.52 12.01 4.60
CA PRO A 142 -20.56 10.92 4.82
C PRO A 142 -21.14 9.53 4.63
N PHE A 143 -22.41 9.32 4.97
CA PHE A 143 -23.03 8.02 4.73
C PHE A 143 -23.26 7.79 3.25
N GLY A 144 -23.62 8.84 2.51
CA GLY A 144 -23.73 8.75 1.07
C GLY A 144 -22.39 8.69 0.35
N ALA A 145 -21.29 9.01 1.05
CA ALA A 145 -19.96 8.80 0.54
C ALA A 145 -19.37 7.45 0.96
N LEU A 146 -20.00 6.78 1.92
CA LEU A 146 -19.67 5.39 2.22
C LEU A 146 -20.44 4.41 1.34
N ALA A 147 -21.71 4.71 1.06
CA ALA A 147 -22.54 3.78 0.28
C ALA A 147 -22.13 3.76 -1.19
N ASN A 148 -21.57 4.85 -1.68
CA ASN A 148 -20.95 4.92 -3.00
C ASN A 148 -19.48 4.52 -2.87
N GLY A 149 -18.67 4.88 -3.85
CA GLY A 149 -17.24 4.61 -3.75
C GLY A 149 -16.61 5.73 -2.98
N GLN A 150 -15.80 6.57 -3.64
CA GLN A 150 -15.29 7.85 -3.09
C GLN A 150 -14.44 7.62 -1.83
N VAL A 151 -13.27 7.03 -2.08
CA VAL A 151 -12.35 6.69 -1.00
C VAL A 151 -11.83 7.93 -0.28
N LEU A 152 -11.62 9.04 -0.99
CA LEU A 152 -11.09 10.25 -0.35
C LEU A 152 -12.07 10.96 0.60
N PRO A 153 -13.37 11.10 0.31
CA PRO A 153 -14.28 11.60 1.36
C PRO A 153 -14.39 10.70 2.56
N THR A 154 -14.34 9.37 2.37
CA THR A 154 -14.32 8.45 3.49
C THR A 154 -13.07 8.63 4.34
N ILE A 155 -11.93 8.86 3.69
CA ILE A 155 -10.66 9.08 4.40
C ILE A 155 -10.73 10.37 5.22
N PHE A 156 -11.28 11.44 4.62
CA PHE A 156 -11.35 12.72 5.32
C PHE A 156 -12.31 12.66 6.51
N PHE A 157 -13.50 12.07 6.32
CA PHE A 157 -14.45 11.97 7.41
C PHE A 157 -13.95 11.03 8.50
N ALA A 158 -13.22 9.97 8.14
CA ALA A 158 -12.72 9.06 9.16
C ALA A 158 -11.61 9.69 9.99
N ILE A 159 -10.76 10.50 9.36
CA ILE A 159 -9.72 11.22 10.08
C ILE A 159 -10.34 12.24 11.04
N ILE A 160 -11.37 12.97 10.56
CA ILE A 160 -12.06 13.96 11.38
C ILE A 160 -12.77 13.29 12.56
N LEU A 161 -13.41 12.15 12.32
CA LEU A 161 -14.12 11.44 13.37
C LEU A 161 -13.16 10.87 14.41
N GLY A 162 -12.02 10.35 13.98
CA GLY A 162 -11.06 9.82 14.93
C GLY A 162 -10.44 10.89 15.81
N ILE A 163 -10.11 12.04 15.22
CA ILE A 163 -9.56 13.15 15.99
C ILE A 163 -10.59 13.72 16.95
N ALA A 164 -11.86 13.77 16.53
CA ALA A 164 -12.91 14.26 17.43
C ALA A 164 -13.17 13.29 18.58
N ILE A 165 -13.07 11.99 18.31
CA ILE A 165 -13.27 10.99 19.38
C ILE A 165 -12.16 11.08 20.41
N THR A 166 -10.90 11.20 19.97
CA THR A 166 -9.86 11.32 20.99
C THR A 166 -9.77 12.71 21.61
N TYR A 167 -10.39 13.73 21.02
CA TYR A 167 -10.62 14.97 21.80
C TYR A 167 -11.68 14.74 22.87
N LEU A 168 -12.71 13.96 22.57
CA LEU A 168 -13.71 13.64 23.58
C LEU A 168 -13.18 12.70 24.66
N MET A 169 -12.08 11.99 24.39
CA MET A 169 -11.59 10.96 25.30
C MET A 169 -11.04 11.53 26.60
N ASN A 170 -10.59 12.78 26.61
CA ASN A 170 -10.06 13.41 27.82
C ASN A 170 -11.02 14.47 28.37
N SER A 171 -12.32 14.29 28.17
CA SER A 171 -13.30 15.23 28.67
C SER A 171 -13.51 15.02 30.18
N GLU A 172 -13.96 16.09 30.84
CA GLU A 172 -14.18 16.05 32.27
C GLU A 172 -15.42 15.27 32.69
N ASN A 173 -16.29 14.95 31.75
CA ASN A 173 -17.49 14.16 32.05
C ASN A 173 -17.12 12.68 32.18
N GLU A 174 -18.13 11.85 32.47
CA GLU A 174 -17.93 10.42 32.61
C GLU A 174 -18.69 9.62 31.57
N LYS A 175 -19.96 9.95 31.34
CA LYS A 175 -20.74 9.29 30.31
C LYS A 175 -20.21 9.62 28.91
N VAL A 176 -19.71 10.85 28.72
CA VAL A 176 -19.13 11.24 27.44
C VAL A 176 -17.85 10.44 27.16
N ARG A 177 -16.99 10.30 28.16
CA ARG A 177 -15.76 9.54 28.00
C ARG A 177 -16.04 8.05 27.79
N LYS A 178 -17.02 7.51 28.50
CA LYS A 178 -17.37 6.09 28.30
C LYS A 178 -18.01 5.87 26.94
N SER A 179 -18.80 6.83 26.45
CA SER A 179 -19.42 6.68 25.14
C SER A 179 -18.38 6.76 24.02
N ALA A 180 -17.42 7.68 24.14
CA ALA A 180 -16.35 7.77 23.16
C ALA A 180 -15.47 6.53 23.18
N GLU A 181 -15.20 5.98 24.37
CA GLU A 181 -14.41 4.77 24.48
C GLU A 181 -15.13 3.57 23.87
N THR A 182 -16.45 3.48 24.07
CA THR A 182 -17.22 2.39 23.48
C THR A 182 -17.28 2.50 21.96
N LEU A 183 -17.40 3.73 21.43
CA LEU A 183 -17.43 3.91 19.98
C LEU A 183 -16.09 3.55 19.34
N LEU A 184 -14.98 3.98 19.95
CA LEU A 184 -13.68 3.63 19.41
C LEU A 184 -13.39 2.14 19.54
N ASP A 185 -13.87 1.50 20.61
CA ASP A 185 -13.69 0.06 20.75
C ASP A 185 -14.49 -0.70 19.70
N ALA A 186 -15.70 -0.22 19.38
CA ALA A 186 -16.51 -0.88 18.36
C ALA A 186 -15.88 -0.74 16.97
N ILE A 187 -15.36 0.45 16.65
CA ILE A 187 -14.74 0.66 15.34
C ILE A 187 -13.44 -0.14 15.21
N ASN A 188 -12.66 -0.22 16.30
CA ASN A 188 -11.45 -1.04 16.29
C ASN A 188 -11.79 -2.52 16.17
N GLY A 189 -12.91 -2.95 16.77
CA GLY A 189 -13.35 -4.32 16.57
C GLY A 189 -13.76 -4.60 15.14
N LEU A 190 -14.35 -3.61 14.47
CA LEU A 190 -14.69 -3.77 13.05
C LEU A 190 -13.44 -3.89 12.19
N ALA A 191 -12.41 -3.10 12.48
CA ALA A 191 -11.16 -3.18 11.71
C ALA A 191 -10.45 -4.52 11.94
N GLU A 192 -10.39 -4.97 13.19
CA GLU A 192 -9.80 -6.27 13.48
C GLU A 192 -10.63 -7.43 12.96
N ALA A 193 -11.94 -7.23 12.77
CA ALA A 193 -12.75 -8.26 12.13
C ALA A 193 -12.54 -8.30 10.63
N MET A 194 -12.28 -7.14 10.00
CA MET A 194 -12.01 -7.13 8.57
C MET A 194 -10.63 -7.64 8.22
N TYR A 195 -9.65 -7.53 9.13
CA TYR A 195 -8.31 -8.05 8.83
C TYR A 195 -8.28 -9.58 8.72
N LYS A 196 -9.15 -10.28 9.45
CA LYS A 196 -9.22 -11.73 9.31
C LYS A 196 -9.82 -12.13 7.96
N ILE A 197 -10.78 -11.35 7.47
CA ILE A 197 -11.32 -11.62 6.14
C ILE A 197 -10.29 -11.29 5.07
N VAL A 198 -9.42 -10.31 5.32
CA VAL A 198 -8.30 -10.06 4.41
C VAL A 198 -7.35 -11.25 4.37
N ASN A 199 -7.08 -11.84 5.54
CA ASN A 199 -6.23 -13.04 5.59
C ASN A 199 -6.87 -14.20 4.83
N GLY A 200 -8.19 -14.36 4.95
CA GLY A 200 -8.86 -15.42 4.21
C GLY A 200 -8.88 -15.20 2.70
N VAL A 201 -9.14 -13.97 2.27
CA VAL A 201 -9.19 -13.68 0.83
C VAL A 201 -7.80 -13.77 0.22
N MET A 202 -6.76 -13.30 0.92
CA MET A 202 -5.41 -13.47 0.42
C MET A 202 -4.92 -14.91 0.50
N GLN A 203 -5.53 -15.74 1.34
CA GLN A 203 -5.26 -17.17 1.24
C GLN A 203 -5.94 -17.78 0.02
N TYR A 204 -7.10 -17.24 -0.37
CA TYR A 204 -7.75 -17.72 -1.60
C TYR A 204 -7.02 -17.25 -2.86
N ALA A 205 -6.35 -16.09 -2.78
CA ALA A 205 -5.73 -15.33 -3.87
C ALA A 205 -4.92 -16.05 -4.96
N PRO A 206 -4.15 -17.13 -4.70
CA PRO A 206 -3.43 -17.76 -5.82
C PRO A 206 -4.33 -18.40 -6.87
N ILE A 207 -5.47 -18.97 -6.46
CA ILE A 207 -6.40 -19.54 -7.43
C ILE A 207 -7.02 -18.44 -8.28
N GLY A 208 -7.32 -17.28 -7.69
CA GLY A 208 -7.88 -16.18 -8.46
C GLY A 208 -6.88 -15.56 -9.41
N VAL A 209 -5.63 -15.40 -8.96
CA VAL A 209 -4.59 -14.84 -9.83
C VAL A 209 -4.28 -15.79 -10.98
N PHE A 210 -4.25 -17.10 -10.69
CA PHE A 210 -4.07 -18.09 -11.75
C PHE A 210 -5.22 -18.08 -12.74
N ALA A 211 -6.46 -17.99 -12.24
CA ALA A 211 -7.63 -18.01 -13.11
C ALA A 211 -7.77 -16.73 -13.92
N LEU A 212 -7.19 -15.63 -13.48
CA LEU A 212 -7.23 -14.40 -14.28
C LEU A 212 -6.10 -14.35 -15.30
N ILE A 213 -4.90 -14.71 -14.88
CA ILE A 213 -3.74 -14.68 -15.78
C ILE A 213 -3.87 -15.74 -16.87
N ALA A 214 -4.53 -16.86 -16.59
CA ALA A 214 -4.77 -17.88 -17.61
C ALA A 214 -5.69 -17.36 -18.70
N TYR A 215 -6.73 -16.61 -18.33
CA TYR A 215 -7.63 -16.03 -19.32
C TYR A 215 -6.93 -14.94 -20.14
N VAL A 216 -6.10 -14.12 -19.48
CA VAL A 216 -5.43 -13.04 -20.19
C VAL A 216 -4.38 -13.59 -21.17
N MET A 217 -3.67 -14.64 -20.77
CA MET A 217 -2.73 -15.26 -21.71
C MET A 217 -3.45 -16.06 -22.79
N ALA A 218 -4.64 -16.59 -22.49
CA ALA A 218 -5.40 -17.30 -23.51
C ALA A 218 -6.05 -16.38 -24.51
N GLU A 219 -6.27 -15.11 -24.16
CA GLU A 219 -6.81 -14.17 -25.14
C GLU A 219 -5.77 -13.80 -26.17
N GLN A 220 -4.69 -13.15 -25.75
CA GLN A 220 -3.59 -12.77 -26.62
C GLN A 220 -2.27 -13.13 -25.97
N GLY A 221 -1.21 -13.15 -26.79
CA GLY A 221 0.13 -13.22 -26.29
C GLY A 221 0.68 -11.84 -26.04
N VAL A 222 0.22 -11.20 -24.96
CA VAL A 222 0.38 -9.76 -24.77
C VAL A 222 1.78 -9.35 -24.30
N HIS A 223 2.71 -10.30 -24.16
CA HIS A 223 4.14 -10.05 -23.88
C HIS A 223 4.33 -9.30 -22.56
N VAL A 224 3.95 -9.97 -21.47
CA VAL A 224 3.95 -9.34 -20.16
C VAL A 224 5.23 -9.57 -19.36
N VAL A 225 6.09 -10.51 -19.77
CA VAL A 225 7.26 -10.84 -18.95
C VAL A 225 8.28 -9.71 -19.01
N GLY A 226 8.47 -9.08 -20.18
CA GLY A 226 9.39 -7.98 -20.28
C GLY A 226 8.90 -6.74 -19.57
N GLU A 227 7.59 -6.48 -19.61
CA GLU A 227 7.03 -5.34 -18.92
C GLU A 227 7.02 -5.53 -17.40
N LEU A 228 6.81 -6.75 -16.93
CA LEU A 228 6.91 -6.99 -15.49
C LEU A 228 8.34 -6.92 -15.01
N ALA A 229 9.31 -7.34 -15.83
CA ALA A 229 10.71 -7.13 -15.48
C ALA A 229 11.06 -5.65 -15.48
N LYS A 230 10.45 -4.86 -16.38
CA LYS A 230 10.69 -3.43 -16.40
C LYS A 230 10.10 -2.74 -15.18
N VAL A 231 8.91 -3.15 -14.74
CA VAL A 231 8.33 -2.50 -13.57
C VAL A 231 9.04 -2.96 -12.30
N THR A 232 9.60 -4.17 -12.29
CA THR A 232 10.41 -4.60 -11.15
C THR A 232 11.71 -3.81 -11.07
N ALA A 233 12.34 -3.57 -12.23
CA ALA A 233 13.55 -2.74 -12.27
C ALA A 233 13.22 -1.30 -11.88
N ALA A 234 12.05 -0.81 -12.27
CA ALA A 234 11.63 0.54 -11.89
C ALA A 234 11.43 0.66 -10.38
N VAL A 235 10.81 -0.34 -9.76
CA VAL A 235 10.59 -0.32 -8.32
C VAL A 235 11.92 -0.40 -7.56
N TYR A 236 12.84 -1.28 -8.00
CA TYR A 236 14.12 -1.41 -7.30
C TYR A 236 14.99 -0.17 -7.46
N VAL A 237 15.05 0.40 -8.66
CA VAL A 237 15.83 1.62 -8.87
C VAL A 237 15.21 2.79 -8.11
N GLY A 238 13.87 2.83 -8.05
CA GLY A 238 13.22 3.87 -7.28
C GLY A 238 13.45 3.75 -5.79
N LEU A 239 13.48 2.53 -5.25
CA LEU A 239 13.72 2.35 -3.82
C LEU A 239 15.18 2.64 -3.47
N THR A 240 16.11 2.23 -4.32
CA THR A 240 17.54 2.50 -4.08
C THR A 240 17.83 3.99 -4.14
N LEU A 241 17.30 4.66 -5.16
CA LEU A 241 17.46 6.11 -5.26
C LEU A 241 16.70 6.83 -4.15
N GLN A 242 15.59 6.25 -3.67
CA GLN A 242 14.84 6.83 -2.57
C GLN A 242 15.67 6.85 -1.29
N ILE A 243 16.20 5.67 -0.91
CA ILE A 243 17.09 5.54 0.24
C ILE A 243 18.26 6.51 0.13
N LEU A 244 19.01 6.41 -0.97
CA LEU A 244 20.23 7.17 -1.16
C LEU A 244 19.96 8.67 -1.15
N LEU A 245 19.18 9.15 -2.12
CA LEU A 245 18.93 10.58 -2.27
C LEU A 245 18.22 11.18 -1.07
N VAL A 246 17.04 10.64 -0.71
CA VAL A 246 16.20 11.28 0.31
C VAL A 246 16.86 11.19 1.68
N TYR A 247 17.30 10.00 2.09
CA TYR A 247 17.82 9.89 3.44
C TYR A 247 19.21 10.49 3.57
N PHE A 248 20.03 10.47 2.51
CA PHE A 248 21.34 11.11 2.60
C PHE A 248 21.20 12.63 2.64
N VAL A 249 20.23 13.18 1.89
CA VAL A 249 19.98 14.61 1.95
C VAL A 249 19.46 15.02 3.33
N LEU A 250 18.57 14.22 3.92
CA LEU A 250 18.04 14.56 5.24
C LEU A 250 19.11 14.47 6.33
N LEU A 251 19.96 13.44 6.28
CA LEU A 251 21.03 13.34 7.26
C LEU A 251 22.11 14.40 7.05
N LYS A 252 22.33 14.83 5.80
CA LYS A 252 23.32 15.89 5.57
C LYS A 252 22.77 17.25 5.96
N ILE A 253 21.45 17.46 5.91
CA ILE A 253 20.88 18.66 6.49
C ILE A 253 21.03 18.64 8.02
N TYR A 254 20.67 17.52 8.65
CA TYR A 254 20.73 17.48 10.10
C TYR A 254 22.10 17.14 10.65
N GLY A 255 23.14 17.07 9.81
CA GLY A 255 24.51 17.04 10.27
C GLY A 255 25.05 15.68 10.68
N ILE A 256 24.19 14.71 10.97
CA ILE A 256 24.64 13.40 11.41
C ILE A 256 25.24 12.63 10.23
N ASP A 257 26.42 12.07 10.44
CA ASP A 257 27.18 11.45 9.35
C ASP A 257 26.53 10.15 8.91
N PRO A 258 26.33 9.95 7.60
CA PRO A 258 25.57 8.77 7.12
C PRO A 258 26.39 7.50 6.98
N ILE A 259 27.69 7.51 7.19
CA ILE A 259 28.51 6.32 6.89
C ILE A 259 28.37 5.26 7.98
N SER A 260 28.67 5.63 9.24
CA SER A 260 28.51 4.67 10.33
C SER A 260 27.05 4.37 10.60
N PHE A 261 26.18 5.38 10.39
CA PHE A 261 24.74 5.17 10.47
C PHE A 261 24.27 4.17 9.42
N ILE A 262 24.83 4.24 8.21
CA ILE A 262 24.42 3.30 7.18
C ILE A 262 25.08 1.95 7.38
N LYS A 263 26.17 1.87 8.15
CA LYS A 263 26.70 0.56 8.54
C LYS A 263 25.77 -0.17 9.51
N HIS A 264 25.37 0.53 10.58
CA HIS A 264 24.45 -0.08 11.54
C HIS A 264 23.08 -0.34 10.91
N ALA A 265 22.61 0.60 10.09
CA ALA A 265 21.40 0.39 9.32
C ALA A 265 21.56 -0.68 8.26
N LYS A 266 22.79 -0.96 7.80
CA LYS A 266 23.01 -2.05 6.85
C LYS A 266 22.85 -3.39 7.54
N ASP A 267 23.30 -3.47 8.80
CA ASP A 267 23.00 -4.66 9.61
C ASP A 267 21.49 -4.84 9.79
N ALA A 268 20.79 -3.76 10.11
CA ALA A 268 19.33 -3.82 10.28
C ALA A 268 18.62 -4.13 8.96
N MET A 269 19.13 -3.61 7.85
CA MET A 269 18.55 -3.87 6.53
C MET A 269 18.76 -5.31 6.12
N LEU A 270 19.92 -5.88 6.44
CA LEU A 270 20.18 -7.28 6.14
C LEU A 270 19.22 -8.18 6.91
N THR A 271 18.99 -7.88 8.19
CA THR A 271 18.03 -8.65 8.98
C THR A 271 16.61 -8.52 8.42
N ALA A 272 16.18 -7.28 8.14
CA ALA A 272 14.82 -7.04 7.65
C ALA A 272 14.63 -7.49 6.21
N PHE A 273 15.71 -7.68 5.45
CA PHE A 273 15.62 -8.15 4.09
C PHE A 273 15.60 -9.66 3.99
N VAL A 274 16.28 -10.35 4.91
CA VAL A 274 16.13 -11.80 4.96
C VAL A 274 14.75 -12.18 5.53
N THR A 275 14.33 -11.54 6.62
CA THR A 275 13.06 -11.99 7.20
C THR A 275 11.84 -11.40 6.51
N ARG A 276 12.02 -10.42 5.61
CA ARG A 276 11.00 -9.73 4.80
C ARG A 276 9.78 -9.26 5.60
N SER A 277 9.97 -8.93 6.88
CA SER A 277 8.90 -8.42 7.73
C SER A 277 9.42 -7.27 8.57
N SER A 278 8.67 -6.17 8.60
CA SER A 278 9.11 -4.99 9.34
C SER A 278 8.80 -5.08 10.82
N SER A 279 7.75 -5.82 11.19
CA SER A 279 7.42 -6.00 12.60
C SER A 279 8.29 -7.04 13.27
N GLY A 280 8.91 -7.95 12.51
CA GLY A 280 9.72 -8.99 13.11
C GLY A 280 11.04 -8.48 13.63
N THR A 281 11.62 -7.46 12.98
CA THR A 281 12.89 -6.88 13.41
C THR A 281 12.71 -5.70 14.33
N LEU A 282 11.56 -5.57 15.00
CA LEU A 282 11.38 -4.49 15.96
C LEU A 282 12.34 -4.55 17.15
N PRO A 283 12.63 -5.70 17.79
CA PRO A 283 13.76 -5.70 18.73
C PRO A 283 15.10 -5.52 18.07
N VAL A 284 15.24 -5.91 16.80
CA VAL A 284 16.49 -5.74 16.09
C VAL A 284 16.76 -4.25 15.83
N THR A 285 15.76 -3.52 15.32
CA THR A 285 15.97 -2.10 15.10
C THR A 285 16.01 -1.32 16.40
N MET A 286 15.38 -1.83 17.48
CA MET A 286 15.58 -1.22 18.79
C MET A 286 17.00 -1.41 19.27
N ARG A 287 17.60 -2.57 18.98
CA ARG A 287 18.99 -2.82 19.31
C ARG A 287 19.93 -1.92 18.51
N VAL A 288 19.64 -1.71 17.23
CA VAL A 288 20.44 -0.80 16.41
C VAL A 288 20.32 0.65 16.89
N ALA A 289 19.11 1.06 17.27
CA ALA A 289 18.91 2.40 17.81
C ALA A 289 19.60 2.58 19.16
N LYS A 290 19.70 1.51 19.95
CA LYS A 290 20.45 1.58 21.19
C LYS A 290 21.96 1.62 20.92
N GLU A 291 22.40 0.90 19.90
CA GLU A 291 23.82 0.92 19.53
C GLU A 291 24.24 2.25 18.94
N MET A 292 23.31 3.01 18.37
CA MET A 292 23.60 4.39 18.02
C MET A 292 23.67 5.28 19.26
N GLY A 293 23.04 4.87 20.36
CA GLY A 293 23.14 5.58 21.62
C GLY A 293 22.45 6.92 21.66
N ILE A 294 21.13 6.93 21.62
CA ILE A 294 20.40 8.20 21.54
C ILE A 294 19.60 8.51 22.81
N SER A 295 18.53 7.74 23.08
CA SER A 295 17.71 7.82 24.29
C SER A 295 16.74 6.64 24.29
N GLU A 296 16.58 5.96 25.42
CA GLU A 296 15.78 4.74 25.45
C GLU A 296 14.30 5.04 25.29
N GLY A 297 13.83 6.13 25.90
CA GLY A 297 12.43 6.50 25.80
C GLY A 297 12.03 6.90 24.38
N ILE A 298 12.95 7.54 23.65
CA ILE A 298 12.56 8.06 22.35
C ILE A 298 12.47 6.94 21.30
N TYR A 299 13.30 5.88 21.36
CA TYR A 299 13.08 4.83 20.40
C TYR A 299 12.01 3.86 20.87
N SER A 300 11.84 3.68 22.19
CA SER A 300 10.72 2.84 22.65
C SER A 300 9.37 3.51 22.42
N PHE A 301 9.32 4.82 22.21
CA PHE A 301 8.11 5.46 21.75
C PHE A 301 8.00 5.47 20.22
N THR A 302 9.11 5.65 19.52
CA THR A 302 9.03 5.91 18.08
C THR A 302 8.88 4.63 17.27
N LEU A 303 9.62 3.58 17.59
CA LEU A 303 9.71 2.43 16.70
C LEU A 303 8.44 1.59 16.52
N PRO A 304 7.57 1.37 17.53
CA PRO A 304 6.28 0.74 17.19
C PRO A 304 5.41 1.59 16.30
N LEU A 305 5.38 2.92 16.52
CA LEU A 305 4.61 3.82 15.67
C LEU A 305 5.15 3.83 14.25
N GLY A 306 6.48 3.91 14.10
CA GLY A 306 7.09 3.84 12.78
C GLY A 306 6.99 2.49 12.11
N ALA A 307 6.84 1.43 12.90
CA ALA A 307 6.65 0.11 12.31
C ALA A 307 5.22 -0.14 11.89
N THR A 308 4.24 0.52 12.50
CA THR A 308 2.86 0.29 12.11
C THR A 308 2.29 1.37 11.19
N ILE A 309 2.96 2.51 11.04
CA ILE A 309 2.41 3.63 10.27
C ILE A 309 3.35 4.07 9.16
N ASN A 310 4.63 4.26 9.47
CA ASN A 310 5.59 4.76 8.49
C ASN A 310 5.88 3.67 7.45
N MET A 311 5.30 3.82 6.27
CA MET A 311 5.52 2.90 5.16
C MET A 311 5.92 3.72 3.95
N ASP A 312 7.18 3.60 3.54
CA ASP A 312 7.71 4.33 2.39
C ASP A 312 7.82 3.48 1.14
N GLY A 313 8.36 2.26 1.27
CA GLY A 313 8.46 1.36 0.14
C GLY A 313 7.12 0.90 -0.37
N THR A 314 6.15 0.71 0.54
CA THR A 314 4.80 0.35 0.13
C THR A 314 4.14 1.50 -0.64
N ALA A 315 4.43 2.73 -0.23
CA ALA A 315 3.89 3.89 -0.93
C ALA A 315 4.53 4.07 -2.31
N LEU A 316 5.84 3.85 -2.41
CA LEU A 316 6.51 3.93 -3.71
C LEU A 316 6.03 2.84 -4.64
N TYR A 317 5.81 1.63 -4.10
CA TYR A 317 5.23 0.55 -4.88
C TYR A 317 3.82 0.90 -5.35
N GLN A 318 3.05 1.60 -4.51
CA GLN A 318 1.71 2.02 -4.90
C GLN A 318 1.75 3.02 -6.04
N GLY A 319 2.69 3.97 -5.98
CA GLY A 319 2.82 4.94 -7.06
C GLY A 319 3.20 4.32 -8.38
N VAL A 320 4.26 3.49 -8.36
CA VAL A 320 4.71 2.83 -9.60
C VAL A 320 3.67 1.85 -10.12
N ALA A 321 2.94 1.18 -9.22
CA ALA A 321 1.94 0.20 -9.65
C ALA A 321 0.72 0.86 -10.25
N THR A 322 0.24 1.96 -9.65
CA THR A 322 -0.91 2.62 -10.25
C THR A 322 -0.53 3.34 -11.54
N PHE A 323 0.75 3.73 -11.69
CA PHE A 323 1.12 4.32 -12.97
C PHE A 323 1.31 3.26 -14.05
N PHE A 324 1.73 2.05 -13.66
CA PHE A 324 1.78 0.93 -14.60
C PHE A 324 0.40 0.50 -15.05
N ILE A 325 -0.56 0.46 -14.12
CA ILE A 325 -1.93 0.11 -14.48
C ILE A 325 -2.56 1.22 -15.34
N ALA A 326 -2.17 2.48 -15.11
CA ALA A 326 -2.67 3.56 -15.95
C ALA A 326 -2.08 3.51 -17.35
N ASN A 327 -0.80 3.14 -17.48
CA ASN A 327 -0.18 3.12 -18.81
C ASN A 327 -0.45 1.83 -19.58
N ALA A 328 -0.80 0.74 -18.89
CA ALA A 328 -1.07 -0.52 -19.57
C ALA A 328 -2.50 -0.62 -20.09
N LEU A 329 -3.26 0.46 -20.03
CA LEU A 329 -4.62 0.50 -20.57
C LEU A 329 -4.83 1.60 -21.60
N GLY A 330 -3.97 2.61 -21.64
CA GLY A 330 -4.06 3.68 -22.62
C GLY A 330 -4.49 5.02 -22.05
N SER A 331 -4.94 5.06 -20.81
CA SER A 331 -5.47 6.28 -20.21
C SER A 331 -4.34 7.02 -19.49
N HIS A 332 -3.98 8.19 -20.01
CA HIS A 332 -3.01 9.04 -19.34
C HIS A 332 -3.61 9.65 -18.08
N LEU A 333 -2.74 10.04 -17.15
CA LEU A 333 -3.15 10.64 -15.90
C LEU A 333 -2.84 12.13 -15.92
N THR A 334 -3.75 12.92 -15.36
CA THR A 334 -3.58 14.37 -15.32
C THR A 334 -2.74 14.75 -14.10
N VAL A 335 -2.69 16.04 -13.80
CA VAL A 335 -2.00 16.50 -12.59
C VAL A 335 -2.89 16.26 -11.37
N GLY A 336 -4.21 16.44 -11.53
CA GLY A 336 -5.13 16.16 -10.44
C GLY A 336 -5.16 14.69 -10.05
N GLN A 337 -5.00 13.79 -11.03
CA GLN A 337 -4.93 12.37 -10.71
C GLN A 337 -3.66 12.02 -9.95
N GLN A 338 -2.54 12.69 -10.25
CA GLN A 338 -1.30 12.41 -9.54
C GLN A 338 -1.34 12.99 -8.13
N LEU A 339 -1.96 14.16 -7.96
CA LEU A 339 -2.19 14.68 -6.61
C LEU A 339 -3.13 13.78 -5.82
N THR A 340 -4.12 13.19 -6.49
CA THR A 340 -5.02 12.23 -5.86
C THR A 340 -4.27 10.97 -5.43
N ILE A 341 -3.33 10.51 -6.27
CA ILE A 341 -2.46 9.38 -5.93
C ILE A 341 -1.66 9.68 -4.67
N VAL A 342 -1.03 10.86 -4.63
CA VAL A 342 -0.18 11.25 -3.50
C VAL A 342 -1.01 11.35 -2.21
N LEU A 343 -2.16 12.01 -2.28
CA LEU A 343 -3.00 12.20 -1.09
C LEU A 343 -3.57 10.87 -0.60
N THR A 344 -4.06 10.03 -1.52
CA THR A 344 -4.67 8.77 -1.09
C THR A 344 -3.63 7.80 -0.55
N ALA A 345 -2.43 7.76 -1.14
CA ALA A 345 -1.39 6.86 -0.63
C ALA A 345 -0.87 7.32 0.73
N VAL A 346 -0.67 8.63 0.90
CA VAL A 346 -0.16 9.16 2.16
C VAL A 346 -1.19 8.98 3.27
N LEU A 347 -2.45 9.35 3.01
CA LEU A 347 -3.47 9.24 4.03
C LEU A 347 -3.97 7.82 4.22
N ALA A 348 -3.71 6.91 3.30
CA ALA A 348 -4.06 5.51 3.51
C ALA A 348 -2.91 4.72 4.13
N SER A 349 -1.71 5.27 4.15
CA SER A 349 -0.61 4.68 4.91
C SER A 349 -0.47 5.35 6.27
N ILE A 350 -1.57 5.76 6.89
CA ILE A 350 -1.55 6.30 8.24
C ILE A 350 -2.28 5.40 9.23
N GLY A 351 -3.14 4.51 8.76
CA GLY A 351 -3.78 3.58 9.66
C GLY A 351 -3.63 2.13 9.29
N THR A 352 -3.41 1.86 8.00
CA THR A 352 -3.48 0.50 7.50
C THR A 352 -2.18 -0.27 7.77
N ALA A 353 -2.28 -1.35 8.55
CA ALA A 353 -1.13 -2.21 8.82
C ALA A 353 -1.65 -3.63 9.04
N GLY A 354 -1.66 -4.42 7.97
CA GLY A 354 -1.91 -5.85 8.04
C GLY A 354 -0.66 -6.62 7.71
N VAL A 355 -0.60 -7.86 8.19
CA VAL A 355 0.59 -8.66 7.96
C VAL A 355 0.57 -9.20 6.52
N PRO A 356 -0.49 -9.85 6.00
CA PRO A 356 -0.57 -9.97 4.54
C PRO A 356 -1.49 -8.93 3.91
N GLY A 357 -1.41 -8.85 2.59
CA GLY A 357 -2.47 -8.20 1.82
C GLY A 357 -2.69 -6.70 1.87
N ALA A 358 -2.13 -6.02 2.87
CA ALA A 358 -2.41 -4.61 3.12
C ALA A 358 -1.89 -3.71 2.01
N GLY A 359 -0.79 -4.12 1.38
CA GLY A 359 -0.33 -3.41 0.19
C GLY A 359 -1.27 -3.54 -0.98
N ALA A 360 -1.85 -4.73 -1.14
CA ALA A 360 -2.82 -4.94 -2.22
C ALA A 360 -4.11 -4.18 -1.98
N ILE A 361 -4.57 -4.14 -0.72
CA ILE A 361 -5.77 -3.37 -0.38
C ILE A 361 -5.51 -1.88 -0.54
N MET A 362 -4.31 -1.42 -0.20
CA MET A 362 -4.01 0.00 -0.35
C MET A 362 -3.86 0.40 -1.82
N LEU A 363 -3.35 -0.53 -2.65
CA LEU A 363 -3.35 -0.30 -4.08
C LEU A 363 -4.76 -0.28 -4.65
N CYS A 364 -5.66 -1.10 -4.08
CA CYS A 364 -7.07 -1.04 -4.46
C CYS A 364 -7.70 0.29 -4.08
N MET A 365 -7.31 0.84 -2.93
CA MET A 365 -7.77 2.16 -2.51
C MET A 365 -7.33 3.24 -3.49
N VAL A 366 -6.06 3.20 -3.87
CA VAL A 366 -5.51 4.19 -4.80
C VAL A 366 -6.17 4.08 -6.18
N LEU A 367 -6.39 2.84 -6.64
CA LEU A 367 -7.03 2.62 -7.93
C LEU A 367 -8.49 3.09 -7.92
N HIS A 368 -9.24 2.76 -6.87
CA HIS A 368 -10.62 3.21 -6.81
C HIS A 368 -10.75 4.69 -6.53
N SER A 369 -9.70 5.33 -6.02
CA SER A 369 -9.73 6.77 -5.79
C SER A 369 -9.27 7.57 -6.99
N VAL A 370 -8.52 6.97 -7.92
CA VAL A 370 -8.16 7.65 -9.15
C VAL A 370 -9.33 7.64 -10.13
N GLY A 371 -9.94 6.48 -10.33
CA GLY A 371 -11.01 6.36 -11.31
C GLY A 371 -11.03 5.02 -12.00
N LEU A 372 -10.02 4.20 -11.74
CA LEU A 372 -9.96 2.84 -12.26
C LEU A 372 -10.63 1.91 -11.25
N PRO A 373 -11.89 1.54 -11.47
CA PRO A 373 -12.72 1.04 -10.37
C PRO A 373 -12.56 -0.43 -10.03
N LEU A 374 -11.63 -1.14 -10.67
CA LEU A 374 -11.36 -2.57 -10.45
C LEU A 374 -12.61 -3.43 -10.66
N THR A 375 -13.42 -3.06 -11.64
CA THR A 375 -14.52 -3.92 -12.07
C THR A 375 -14.50 -4.23 -13.55
N ASP A 376 -13.89 -3.37 -14.37
CA ASP A 376 -13.55 -3.76 -15.73
C ASP A 376 -12.46 -4.83 -15.69
N PRO A 377 -12.48 -5.80 -16.60
CA PRO A 377 -11.46 -6.85 -16.56
C PRO A 377 -10.06 -6.38 -16.94
N ASN A 378 -9.92 -5.23 -17.59
CA ASN A 378 -8.61 -4.70 -17.92
C ASN A 378 -7.87 -4.25 -16.66
N VAL A 379 -8.57 -3.52 -15.79
CA VAL A 379 -7.99 -3.07 -14.53
C VAL A 379 -7.68 -4.25 -13.63
N ALA A 380 -8.56 -5.26 -13.64
CA ALA A 380 -8.33 -6.47 -12.85
C ALA A 380 -7.13 -7.26 -13.35
N ALA A 381 -6.92 -7.30 -14.67
CA ALA A 381 -5.77 -8.00 -15.23
C ALA A 381 -4.46 -7.29 -14.89
N ALA A 382 -4.43 -5.97 -15.14
CA ALA A 382 -3.23 -5.19 -14.84
C ALA A 382 -2.96 -5.09 -13.35
N TYR A 383 -3.97 -5.32 -12.50
CA TYR A 383 -3.77 -5.40 -11.07
C TYR A 383 -3.31 -6.79 -10.64
N ALA A 384 -3.77 -7.83 -11.35
CA ALA A 384 -3.34 -9.19 -11.02
C ALA A 384 -1.88 -9.43 -11.37
N MET A 385 -1.38 -8.78 -12.42
CA MET A 385 0.05 -8.91 -12.73
C MET A 385 0.93 -8.28 -11.63
N ILE A 386 0.52 -7.12 -11.13
CA ILE A 386 1.25 -6.46 -10.05
C ILE A 386 1.15 -7.27 -8.76
N LEU A 387 -0.03 -7.85 -8.49
CA LEU A 387 -0.19 -8.74 -7.34
C LEU A 387 0.67 -9.98 -7.47
N GLY A 388 0.95 -10.43 -8.70
CA GLY A 388 1.90 -11.51 -8.88
C GLY A 388 3.33 -11.09 -8.57
N ILE A 389 3.73 -9.90 -9.02
CA ILE A 389 5.09 -9.40 -8.79
C ILE A 389 5.30 -8.91 -7.35
N ASP A 390 4.23 -8.89 -6.55
CA ASP A 390 4.22 -8.33 -5.19
C ASP A 390 5.28 -8.94 -4.27
N ALA A 391 5.73 -10.18 -4.50
CA ALA A 391 6.73 -10.79 -3.61
C ALA A 391 8.11 -10.14 -3.78
N ILE A 392 8.61 -10.12 -5.02
CA ILE A 392 9.90 -9.50 -5.31
C ILE A 392 9.84 -7.99 -5.30
N LEU A 393 8.65 -7.40 -5.21
CA LEU A 393 8.60 -6.00 -4.78
C LEU A 393 8.57 -5.86 -3.26
N ASP A 394 8.01 -6.85 -2.57
CA ASP A 394 7.74 -6.76 -1.14
C ASP A 394 9.01 -6.85 -0.31
N MET A 395 9.99 -7.62 -0.78
CA MET A 395 11.29 -7.71 -0.08
C MET A 395 11.95 -6.33 0.04
N GLY A 396 12.17 -5.66 -1.08
CA GLY A 396 12.78 -4.35 -1.07
C GLY A 396 11.91 -3.29 -0.41
N ARG A 397 10.58 -3.39 -0.56
CA ARG A 397 9.73 -2.38 0.07
C ARG A 397 9.70 -2.54 1.59
N THR A 398 9.88 -3.76 2.10
CA THR A 398 10.00 -3.93 3.55
C THR A 398 11.34 -3.41 4.06
N MET A 399 12.40 -3.58 3.26
CA MET A 399 13.70 -3.02 3.63
C MET A 399 13.66 -1.49 3.71
N VAL A 400 12.99 -0.85 2.75
CA VAL A 400 12.85 0.62 2.80
C VAL A 400 11.90 1.04 3.93
N ASN A 401 10.88 0.22 4.24
CA ASN A 401 9.99 0.50 5.35
C ASN A 401 10.71 0.51 6.69
N VAL A 402 11.72 -0.34 6.85
CA VAL A 402 12.49 -0.35 8.10
C VAL A 402 13.50 0.80 8.11
N THR A 403 14.16 1.05 6.97
CA THR A 403 15.14 2.14 6.88
C THR A 403 14.52 3.51 7.15
N GLY A 404 13.26 3.70 6.74
CA GLY A 404 12.61 4.99 6.93
C GLY A 404 12.40 5.35 8.39
N ASP A 405 11.83 4.42 9.17
CA ASP A 405 11.60 4.74 10.58
C ASP A 405 12.89 4.73 11.39
N LEU A 406 13.91 3.97 10.95
CA LEU A 406 15.21 4.08 11.63
C LEU A 406 15.84 5.45 11.42
N THR A 407 15.79 5.97 10.19
CA THR A 407 16.32 7.30 9.90
C THR A 407 15.52 8.38 10.64
N GLY A 408 14.20 8.20 10.72
CA GLY A 408 13.38 9.15 11.47
C GLY A 408 13.67 9.17 12.95
N THR A 409 13.86 7.99 13.55
CA THR A 409 14.23 7.90 14.96
C THR A 409 15.58 8.56 15.21
N ALA A 410 16.54 8.33 14.32
CA ALA A 410 17.88 8.92 14.48
C ALA A 410 17.83 10.44 14.41
N ILE A 411 17.18 11.01 13.40
CA ILE A 411 17.23 12.46 13.26
C ILE A 411 16.33 13.18 14.27
N VAL A 412 15.21 12.57 14.69
CA VAL A 412 14.37 13.22 15.69
C VAL A 412 15.03 13.15 17.07
N ALA A 413 15.70 12.03 17.37
CA ALA A 413 16.46 11.95 18.61
C ALA A 413 17.64 12.92 18.63
N LYS A 414 18.26 13.15 17.46
CA LYS A 414 19.33 14.14 17.37
C LYS A 414 18.81 15.55 17.64
N THR A 415 17.76 15.97 16.93
CA THR A 415 17.27 17.33 17.11
C THR A 415 16.54 17.52 18.43
N GLU A 416 16.15 16.46 19.12
CA GLU A 416 15.49 16.61 20.41
C GLU A 416 16.50 16.62 21.56
N GLY A 417 17.45 15.69 21.56
CA GLY A 417 18.43 15.65 22.62
C GLY A 417 19.56 16.66 22.46
N THR A 418 20.22 16.64 21.31
CA THR A 418 21.39 17.51 21.10
C THR A 418 20.96 18.94 20.80
C06 6OU B . -7.47 -26.58 -2.18
C07 6OU B . -7.40 -25.40 -1.18
C08 6OU B . -8.31 -24.24 -1.67
C09 6OU B . -8.35 -23.11 -0.59
C10 6OU B . -9.27 -21.94 -1.08
C11 6OU B . -9.33 -20.81 0.00
C12 6OU B . -9.71 -21.44 1.38
C13 6OU B . -10.55 -20.41 2.22
C14 6OU B . -9.59 -19.56 3.09
C15 6OU B . -10.25 -19.26 4.46
C16 6OU B . -9.23 -19.59 5.60
O17 6OU B . -8.32 -20.33 5.38
O18 6OU B . -9.36 -18.98 6.86
C19 6OU B . -8.13 -18.61 7.46
C20 6OU B . -8.36 -17.47 8.45
C21 6OU B . -7.03 -17.07 9.10
O22 6OU B . -7.26 -16.67 10.43
P23 6OU B . -6.14 -17.11 11.60
O24 6OU B . -6.53 -16.50 12.93
O25 6OU B . -4.77 -16.60 11.20
O26 6OU B . -6.10 -18.75 11.73
C27 6OU B . -7.32 -19.44 12.01
C28 6OU B . -7.04 -20.93 12.23
N29 6OU B . -8.19 -21.71 11.80
O30 6OU B . -9.25 -17.89 9.46
C31 6OU B . -10.38 -17.06 9.61
O32 6OU B . -10.55 -16.47 10.63
C33 6OU B . -11.39 -16.94 8.46
C34 6OU B . -11.88 -15.46 8.33
C35 6OU B . -13.43 -15.44 8.47
C36 6OU B . -14.07 -16.04 7.16
C37 6OU B . -13.56 -15.23 5.91
C38 6OU B . -13.11 -16.23 4.80
C39 6OU B . -13.82 -15.86 3.44
C40 6OU B . -13.03 -16.49 2.24
C41 6OU B . -13.61 -16.55 1.01
C42 6OU B . -12.84 -17.17 -0.18
C43 6OU B . -13.17 -18.70 -0.29
C44 6OU B . -13.89 -18.97 -1.63
C45 6OU B . -13.68 -20.45 -2.06
C46 6OU B . -14.86 -20.90 -2.96
C47 6OU B . -14.39 -22.03 -3.92
#